data_2QQZ
#
_entry.id   2QQZ
#
_cell.length_a   52.314
_cell.length_b   53.262
_cell.length_c   108.115
_cell.angle_alpha   90.00
_cell.angle_beta   90.00
_cell.angle_gamma   90.00
#
_symmetry.space_group_name_H-M   'P 21 21 21'
#
loop_
_entity.id
_entity.type
_entity.pdbx_description
1 polymer 'Glyoxalase family protein, putative'
2 non-polymer 'SULFATE ION'
3 non-polymer GLYCEROL
4 water water
#
_entity_poly.entity_id   1
_entity_poly.type   'polypeptide(L)'
_entity_poly.pdbx_seq_one_letter_code
;SNA(MSE)RNYIQGIDHVQVAAPVGCEEEARAFYGETIG(MSE)EEIPKPEELKKRGGCWFKCGNQEIHIGVEQNFNPAK
RAHPAFYVLKIDEFKQELIKQGIEVIDDHARPDVIRFYVSDPFGNRIEF(MSE)ENKN
;
_entity_poly.pdbx_strand_id   A,B
#
loop_
_chem_comp.id
_chem_comp.type
_chem_comp.name
_chem_comp.formula
GOL non-polymer GLYCEROL 'C3 H8 O3'
SO4 non-polymer 'SULFATE ION' 'O4 S -2'
#
# COMPACT_ATOMS: atom_id res chain seq x y z
N MSE A 4 -4.64 24.38 -3.66
N MSE A 4 -4.32 24.17 -3.84
CA MSE A 4 -4.07 23.62 -2.52
CA MSE A 4 -3.65 23.69 -2.61
C MSE A 4 -2.62 23.24 -2.75
C MSE A 4 -2.13 23.68 -2.71
O MSE A 4 -2.24 22.77 -3.82
O MSE A 4 -1.52 24.49 -3.42
CB MSE A 4 -4.90 22.37 -2.25
CB MSE A 4 -4.06 22.25 -2.28
CG MSE A 4 -4.31 21.43 -1.19
CG MSE A 4 -5.31 22.10 -1.48
SE MSE A 4 -5.48 21.19 0.36
SE MSE A 4 -5.73 20.22 -1.41
CE MSE A 4 -7.09 22.18 -0.28
CE MSE A 4 -5.33 19.85 0.48
N ARG A 5 -1.80 23.44 -1.71
N ARG A 5 -1.55 22.74 -1.99
CA ARG A 5 -0.37 23.10 -1.78
CA ARG A 5 -0.11 22.47 -2.08
C ARG A 5 -0.22 21.58 -1.92
C ARG A 5 0.05 20.97 -2.25
N ASN A 6 1.00 21.13 -2.16
N ASN A 6 1.22 20.52 -2.66
CA ASN A 6 1.26 19.72 -2.38
CA ASN A 6 1.45 19.10 -2.57
C ASN A 6 1.98 19.12 -1.16
C ASN A 6 2.04 18.79 -1.20
N TYR A 7 1.16 18.68 -0.21
CA TYR A 7 1.58 18.20 1.12
C TYR A 7 2.03 16.74 1.09
N ILE A 8 1.41 15.94 0.24
CA ILE A 8 1.69 14.50 0.24
C ILE A 8 3.03 14.15 -0.46
N GLN A 9 3.92 13.45 0.24
CA GLN A 9 5.26 13.21 -0.27
C GLN A 9 5.49 11.83 -0.89
N GLY A 10 4.64 10.88 -0.54
CA GLY A 10 4.82 9.51 -0.99
C GLY A 10 4.14 8.56 -0.03
N ILE A 11 4.24 7.27 -0.31
CA ILE A 11 3.77 6.23 0.61
C ILE A 11 4.90 5.98 1.61
N ASP A 12 4.62 6.18 2.88
CA ASP A 12 5.57 5.83 3.90
C ASP A 12 5.59 4.30 4.13
N HIS A 13 4.42 3.71 4.22
CA HIS A 13 4.34 2.28 4.45
C HIS A 13 2.95 1.81 4.10
N VAL A 14 2.80 0.48 4.00
N VAL A 14 2.79 0.49 4.05
CA VAL A 14 1.49 -0.16 3.92
CA VAL A 14 1.49 -0.13 3.93
C VAL A 14 1.32 -1.08 5.13
C VAL A 14 1.32 -1.06 5.13
N GLN A 15 0.11 -1.05 5.68
CA GLN A 15 -0.21 -1.92 6.77
C GLN A 15 -0.99 -3.10 6.20
N VAL A 16 -0.46 -4.31 6.37
CA VAL A 16 -1.09 -5.59 5.91
C VAL A 16 -1.58 -6.33 7.16
N ALA A 17 -2.81 -6.83 7.13
CA ALA A 17 -3.38 -7.41 8.36
C ALA A 17 -3.04 -8.91 8.39
N ALA A 18 -3.08 -9.48 9.59
CA ALA A 18 -2.76 -10.87 9.83
C ALA A 18 -3.39 -11.26 11.15
N PRO A 19 -3.56 -12.57 11.38
CA PRO A 19 -4.14 -12.92 12.66
C PRO A 19 -3.22 -12.82 13.88
N VAL A 20 -3.83 -12.88 15.08
CA VAL A 20 -3.01 -12.94 16.30
C VAL A 20 -2.08 -14.16 16.19
N GLY A 21 -0.85 -14.03 16.65
CA GLY A 21 0.11 -15.14 16.60
C GLY A 21 0.86 -15.27 15.28
N CYS A 22 0.73 -14.29 14.40
CA CYS A 22 1.24 -14.43 13.02
C CYS A 22 2.76 -14.28 12.88
N GLU A 23 3.46 -13.85 13.95
CA GLU A 23 4.82 -13.30 13.79
C GLU A 23 5.80 -14.30 13.20
N GLU A 24 5.72 -15.57 13.61
CA GLU A 24 6.66 -16.57 13.11
C GLU A 24 6.49 -16.75 11.59
N GLU A 25 5.24 -17.00 11.18
CA GLU A 25 4.88 -17.17 9.77
C GLU A 25 5.16 -15.93 8.92
N ALA A 26 4.94 -14.75 9.48
CA ALA A 26 5.21 -13.51 8.78
C ALA A 26 6.73 -13.35 8.50
N ARG A 27 7.55 -13.62 9.54
CA ARG A 27 9.01 -13.57 9.40
C ARG A 27 9.47 -14.62 8.41
N ALA A 28 8.90 -15.83 8.47
CA ALA A 28 9.29 -16.86 7.52
C ALA A 28 9.03 -16.42 6.07
N PHE A 29 7.92 -15.71 5.81
CA PHE A 29 7.59 -15.36 4.46
C PHE A 29 8.19 -14.01 4.03
N TYR A 30 7.86 -12.93 4.75
CA TYR A 30 8.32 -11.61 4.37
C TYR A 30 9.83 -11.44 4.49
N GLY A 31 10.38 -12.09 5.52
CA GLY A 31 11.78 -12.01 5.82
C GLY A 31 12.55 -13.06 5.08
N GLU A 32 12.33 -14.34 5.39
N GLU A 32 12.27 -14.34 5.36
CA GLU A 32 13.16 -15.37 4.77
CA GLU A 32 13.09 -15.46 4.87
C GLU A 32 12.86 -15.55 3.27
C GLU A 32 12.85 -15.81 3.38
N THR A 33 11.60 -15.79 2.95
CA THR A 33 11.23 -16.20 1.61
C THR A 33 11.41 -15.11 0.58
N ILE A 34 10.88 -13.93 0.88
CA ILE A 34 10.95 -12.89 -0.10
C ILE A 34 12.21 -12.02 0.10
N GLY A 35 12.82 -12.18 1.27
CA GLY A 35 14.09 -11.57 1.59
C GLY A 35 14.09 -10.15 2.15
N MSE A 36 12.98 -9.67 2.73
CA MSE A 36 12.98 -8.31 3.25
C MSE A 36 13.64 -8.30 4.63
O MSE A 36 13.63 -9.31 5.35
CB MSE A 36 11.55 -7.77 3.39
CG MSE A 36 10.85 -7.54 2.07
SE MSE A 36 9.06 -6.97 2.39
CE MSE A 36 9.44 -5.23 1.86
N GLU A 37 14.24 -7.16 4.99
CA GLU A 37 14.91 -6.99 6.28
C GLU A 37 13.92 -6.61 7.41
N GLU A 38 13.82 -7.44 8.44
CA GLU A 38 13.02 -7.08 9.62
C GLU A 38 13.54 -5.84 10.38
N ILE A 39 12.65 -4.95 10.75
CA ILE A 39 12.93 -3.68 11.39
C ILE A 39 12.28 -3.73 12.79
N PRO A 40 12.99 -3.34 13.87
CA PRO A 40 12.31 -3.40 15.18
C PRO A 40 11.19 -2.36 15.30
N LYS A 41 10.09 -2.72 15.95
CA LYS A 41 8.99 -1.79 16.11
C LYS A 41 9.31 -0.83 17.26
N PRO A 42 8.72 0.38 17.26
CA PRO A 42 8.85 1.27 18.40
C PRO A 42 8.46 0.53 19.66
N GLU A 43 9.18 0.81 20.75
CA GLU A 43 8.95 0.17 22.04
C GLU A 43 7.47 0.21 22.47
N GLU A 44 6.81 1.34 22.27
CA GLU A 44 5.44 1.57 22.73
C GLU A 44 4.44 0.73 21.99
N LEU A 45 4.87 0.18 20.85
CA LEU A 45 4.00 -0.58 19.96
C LEU A 45 4.27 -2.09 20.01
N LYS A 46 5.29 -2.51 20.75
N LYS A 46 5.26 -2.53 20.77
CA LYS A 46 5.63 -3.93 20.88
CA LYS A 46 5.62 -3.95 20.80
C LYS A 46 4.43 -4.80 21.27
C LYS A 46 4.68 -4.89 21.60
N LYS A 47 3.68 -4.32 22.27
CA LYS A 47 2.62 -5.10 22.88
C LYS A 47 1.44 -5.40 21.94
N ARG A 48 1.39 -4.65 20.82
CA ARG A 48 0.38 -4.84 19.80
C ARG A 48 0.64 -6.08 18.93
N GLY A 49 1.84 -6.66 19.01
CA GLY A 49 2.17 -7.78 18.14
C GLY A 49 2.50 -7.37 16.70
N GLY A 50 2.89 -8.32 15.86
CA GLY A 50 3.07 -8.04 14.45
C GLY A 50 4.54 -7.74 14.22
N CYS A 51 4.90 -7.44 12.98
CA CYS A 51 6.26 -7.13 12.62
C CYS A 51 6.35 -6.18 11.45
N TRP A 52 7.53 -5.55 11.32
CA TRP A 52 7.81 -4.54 10.31
C TRP A 52 8.98 -5.01 9.47
N PHE A 53 8.92 -4.73 8.17
CA PHE A 53 9.98 -5.16 7.25
C PHE A 53 10.31 -3.96 6.38
N LYS A 54 11.58 -3.79 6.05
CA LYS A 54 12.05 -2.72 5.19
C LYS A 54 11.96 -3.10 3.71
N CYS A 55 11.44 -2.21 2.86
CA CYS A 55 11.58 -2.31 1.38
C CYS A 55 12.03 -0.98 0.79
N GLY A 56 13.33 -0.82 0.53
CA GLY A 56 13.76 0.43 -0.03
C GLY A 56 13.46 1.54 0.93
N ASN A 57 12.95 2.66 0.45
CA ASN A 57 12.65 3.78 1.37
C ASN A 57 11.32 3.61 2.03
N GLN A 58 10.69 2.45 1.78
CA GLN A 58 9.41 2.18 2.40
C GLN A 58 9.47 1.00 3.40
N GLU A 59 8.34 0.76 4.07
CA GLU A 59 8.19 -0.35 5.01
C GLU A 59 6.88 -1.08 4.76
N ILE A 60 6.81 -2.33 5.20
N ILE A 60 6.82 -2.33 5.23
CA ILE A 60 5.53 -3.03 5.24
CA ILE A 60 5.57 -3.07 5.31
C ILE A 60 5.33 -3.37 6.72
C ILE A 60 5.36 -3.29 6.78
N HIS A 61 4.16 -3.05 7.28
CA HIS A 61 3.89 -3.29 8.66
C HIS A 61 2.83 -4.41 8.69
N ILE A 62 3.18 -5.53 9.28
CA ILE A 62 2.21 -6.63 9.47
C ILE A 62 1.57 -6.40 10.82
N GLY A 63 0.27 -6.04 10.80
CA GLY A 63 -0.47 -5.70 11.99
C GLY A 63 -1.49 -6.79 12.31
N VAL A 64 -1.53 -7.13 13.59
CA VAL A 64 -2.34 -8.22 14.13
C VAL A 64 -3.80 -7.76 14.17
N GLU A 65 -4.71 -8.63 13.71
CA GLU A 65 -6.14 -8.33 13.77
C GLU A 65 -6.93 -9.53 14.26
N GLN A 66 -7.62 -9.39 15.37
CA GLN A 66 -8.43 -10.43 15.84
C GLN A 66 -9.55 -10.75 14.83
N ASN A 67 -10.03 -9.72 14.14
CA ASN A 67 -11.08 -9.90 13.12
C ASN A 67 -10.45 -9.90 11.71
N PHE A 68 -9.30 -10.53 11.58
CA PHE A 68 -8.62 -10.58 10.30
C PHE A 68 -9.49 -11.16 9.13
N ASN A 69 -9.48 -10.41 8.02
CA ASN A 69 -10.08 -10.91 6.77
C ASN A 69 -9.00 -10.75 5.65
N PRO A 70 -8.55 -11.85 5.01
CA PRO A 70 -7.39 -11.57 4.10
C PRO A 70 -7.79 -10.63 2.93
N ALA A 71 -6.84 -9.84 2.44
CA ALA A 71 -7.12 -8.89 1.34
C ALA A 71 -6.66 -9.63 0.07
N LYS A 72 -7.62 -10.31 -0.58
CA LYS A 72 -7.32 -11.18 -1.72
C LYS A 72 -7.30 -10.41 -3.04
N ARG A 73 -7.74 -9.15 -3.01
N ARG A 73 -7.81 -9.19 -3.00
CA ARG A 73 -7.94 -8.41 -4.24
CA ARG A 73 -7.84 -8.41 -4.20
C ARG A 73 -7.14 -7.10 -4.29
C ARG A 73 -6.96 -7.19 -3.96
N ALA A 74 -7.58 -6.08 -3.54
CA ALA A 74 -6.77 -4.87 -3.29
C ALA A 74 -5.47 -5.22 -2.53
N HIS A 75 -4.35 -4.64 -2.93
CA HIS A 75 -3.06 -5.05 -2.42
C HIS A 75 -1.98 -3.97 -2.69
N PRO A 76 -0.84 -4.06 -1.98
CA PRO A 76 0.38 -3.33 -2.30
C PRO A 76 1.19 -4.03 -3.43
N ALA A 77 1.88 -3.19 -4.22
CA ALA A 77 2.71 -3.64 -5.34
C ALA A 77 4.15 -3.14 -5.15
N PHE A 78 5.07 -4.10 -5.11
CA PHE A 78 6.50 -3.87 -4.86
C PHE A 78 7.28 -3.91 -6.14
N TYR A 79 8.17 -2.93 -6.30
CA TYR A 79 9.07 -2.87 -7.45
C TYR A 79 10.25 -3.78 -7.16
N VAL A 80 10.56 -4.64 -8.15
CA VAL A 80 11.62 -5.67 -8.09
C VAL A 80 12.70 -5.51 -9.20
N LEU A 81 13.99 -5.49 -8.85
CA LEU A 81 15.06 -5.62 -9.84
C LEU A 81 15.20 -7.07 -10.27
N LYS A 82 15.30 -7.33 -11.59
CA LYS A 82 15.61 -8.68 -12.10
C LYS A 82 14.47 -9.62 -11.71
N ILE A 83 13.24 -9.18 -11.95
CA ILE A 83 12.04 -9.91 -11.53
C ILE A 83 11.99 -11.39 -11.96
N ASP A 84 12.53 -11.64 -13.16
N ASP A 84 12.51 -11.75 -13.15
CA ASP A 84 12.67 -12.95 -13.75
CA ASP A 84 12.42 -13.15 -13.59
C ASP A 84 13.28 -13.90 -12.74
C ASP A 84 13.35 -14.06 -12.77
N GLU A 85 14.46 -13.51 -12.27
CA GLU A 85 15.30 -14.27 -11.34
C GLU A 85 14.66 -14.32 -9.93
N PHE A 86 14.03 -13.22 -9.52
CA PHE A 86 13.31 -13.22 -8.24
C PHE A 86 12.21 -14.26 -8.26
N LYS A 87 11.41 -14.25 -9.33
CA LYS A 87 10.31 -15.20 -9.49
C LYS A 87 10.77 -16.68 -9.44
N GLN A 88 11.84 -17.04 -10.14
N GLN A 88 11.83 -17.00 -10.19
CA GLN A 88 12.33 -18.40 -10.07
CA GLN A 88 12.49 -18.31 -10.13
C GLN A 88 12.91 -18.76 -8.70
C GLN A 88 12.74 -18.68 -8.67
N GLU A 89 13.38 -17.77 -7.93
CA GLU A 89 13.80 -18.04 -6.54
C GLU A 89 12.59 -18.34 -5.62
N LEU A 90 11.45 -17.73 -5.91
CA LEU A 90 10.25 -18.01 -5.16
C LEU A 90 9.70 -19.39 -5.53
N ILE A 91 9.65 -19.70 -6.82
CA ILE A 91 9.22 -21.01 -7.27
C ILE A 91 10.13 -22.09 -6.63
N LYS A 92 11.45 -21.92 -6.72
CA LYS A 92 12.41 -22.84 -6.04
C LYS A 92 11.98 -23.19 -4.60
N GLN A 93 11.43 -22.20 -3.89
CA GLN A 93 11.00 -22.38 -2.50
C GLN A 93 9.54 -22.86 -2.34
N GLY A 94 8.92 -23.30 -3.43
CA GLY A 94 7.55 -23.82 -3.37
C GLY A 94 6.43 -22.80 -3.28
N ILE A 95 6.75 -21.52 -3.52
CA ILE A 95 5.74 -20.47 -3.54
C ILE A 95 4.97 -20.46 -4.86
N GLU A 96 3.65 -20.43 -4.77
N GLU A 96 3.64 -20.44 -4.76
CA GLU A 96 2.81 -20.37 -5.97
CA GLU A 96 2.78 -20.31 -5.93
C GLU A 96 2.73 -18.94 -6.53
C GLU A 96 2.86 -18.90 -6.51
N VAL A 97 3.04 -18.78 -7.83
CA VAL A 97 2.96 -17.47 -8.48
C VAL A 97 1.88 -17.39 -9.56
N ILE A 98 1.22 -16.25 -9.63
CA ILE A 98 0.17 -16.04 -10.60
C ILE A 98 0.59 -14.88 -11.47
N ASP A 99 0.99 -15.19 -12.70
CA ASP A 99 1.50 -14.19 -13.65
C ASP A 99 0.34 -13.28 -14.08
N ASP A 100 0.67 -12.07 -14.53
CA ASP A 100 -0.32 -11.19 -15.10
C ASP A 100 0.23 -10.46 -16.33
N HIS A 101 -0.46 -10.58 -17.46
CA HIS A 101 0.07 -10.08 -18.71
C HIS A 101 -0.73 -8.92 -19.25
N ALA A 102 -1.61 -8.31 -18.46
CA ALA A 102 -2.54 -7.34 -19.03
C ALA A 102 -1.86 -5.98 -19.32
N ARG A 103 -0.79 -5.68 -18.60
CA ARG A 103 -0.08 -4.41 -18.69
C ARG A 103 1.27 -4.73 -19.37
N PRO A 104 1.39 -4.45 -20.68
CA PRO A 104 2.48 -5.02 -21.53
C PRO A 104 3.87 -4.35 -21.41
N ASP A 105 3.87 -3.17 -20.79
N ASP A 105 3.94 -3.15 -20.82
CA ASP A 105 5.06 -2.37 -20.45
CA ASP A 105 5.21 -2.49 -20.53
C ASP A 105 5.73 -2.87 -19.12
C ASP A 105 5.82 -3.01 -19.19
N VAL A 106 5.05 -3.78 -18.44
CA VAL A 106 5.46 -4.23 -17.11
C VAL A 106 5.36 -5.75 -16.97
N ILE A 107 6.35 -6.35 -16.34
CA ILE A 107 6.29 -7.75 -16.00
C ILE A 107 5.80 -7.76 -14.58
N ARG A 108 4.88 -8.67 -14.27
CA ARG A 108 4.41 -8.70 -12.89
C ARG A 108 3.68 -9.97 -12.56
N PHE A 109 3.56 -10.24 -11.28
CA PHE A 109 2.89 -11.46 -10.83
C PHE A 109 2.44 -11.28 -9.38
N TYR A 110 1.50 -12.13 -8.96
CA TYR A 110 0.96 -12.06 -7.61
C TYR A 110 1.37 -13.31 -6.87
N VAL A 111 1.49 -13.18 -5.57
CA VAL A 111 1.57 -14.31 -4.66
C VAL A 111 0.61 -14.02 -3.51
N SER A 112 0.29 -15.03 -2.74
CA SER A 112 -0.42 -14.86 -1.48
C SER A 112 0.59 -15.05 -0.33
N ASP A 113 0.51 -14.21 0.69
CA ASP A 113 1.35 -14.49 1.89
C ASP A 113 0.71 -15.66 2.66
N PRO A 114 1.31 -16.08 3.80
CA PRO A 114 0.78 -17.21 4.54
C PRO A 114 -0.66 -16.97 5.04
N PHE A 115 -1.18 -15.74 5.02
CA PHE A 115 -2.49 -15.47 5.66
C PHE A 115 -3.53 -15.23 4.58
N GLY A 116 -3.11 -15.34 3.33
CA GLY A 116 -4.01 -15.24 2.22
C GLY A 116 -4.08 -13.83 1.63
N ASN A 117 -3.27 -12.87 2.11
CA ASN A 117 -3.20 -11.52 1.48
C ASN A 117 -2.44 -11.59 0.13
N ARG A 118 -3.03 -10.98 -0.89
CA ARG A 118 -2.36 -10.79 -2.19
C ARG A 118 -1.25 -9.71 -2.11
N ILE A 119 -0.12 -10.03 -2.72
CA ILE A 119 1.03 -9.11 -2.85
C ILE A 119 1.39 -9.19 -4.34
N GLU A 120 1.71 -8.05 -4.94
CA GLU A 120 2.14 -8.00 -6.33
C GLU A 120 3.60 -7.58 -6.41
N PHE A 121 4.34 -8.21 -7.31
CA PHE A 121 5.70 -7.85 -7.68
C PHE A 121 5.73 -7.44 -9.14
N MSE A 122 6.40 -6.31 -9.44
CA MSE A 122 6.49 -5.82 -10.80
C MSE A 122 7.85 -5.19 -11.16
O MSE A 122 8.53 -4.72 -10.28
CB MSE A 122 5.47 -4.71 -11.02
CG MSE A 122 5.61 -3.58 -10.00
SE MSE A 122 4.44 -2.16 -10.69
CE MSE A 122 5.72 -1.31 -11.95
N GLU A 123 8.18 -5.18 -12.45
CA GLU A 123 9.32 -4.43 -12.96
C GLU A 123 9.00 -3.90 -14.34
N ASN A 124 9.43 -2.69 -14.67
CA ASN A 124 9.33 -2.26 -16.06
C ASN A 124 10.15 -3.14 -17.00
N LYS A 125 9.59 -3.37 -18.18
CA LYS A 125 10.36 -4.03 -19.25
C LYS A 125 11.45 -3.09 -19.77
N ASN A 126 12.60 -3.64 -20.14
CA ASN A 126 13.71 -2.90 -20.76
C ASN A 126 13.56 -2.74 -22.29
N MSE B 4 19.75 -15.24 0.19
N MSE B 4 20.39 -15.36 -0.03
CA MSE B 4 19.11 -14.70 -1.04
CA MSE B 4 19.43 -14.70 -0.95
C MSE B 4 19.45 -13.24 -1.26
C MSE B 4 19.99 -13.35 -1.38
O MSE B 4 19.61 -12.47 -0.30
O MSE B 4 20.84 -12.78 -0.69
CB MSE B 4 17.58 -14.89 -1.01
CB MSE B 4 18.08 -14.50 -0.23
CG MSE B 4 16.87 -14.25 -2.21
CG MSE B 4 17.03 -13.73 -1.02
SE MSE B 4 15.22 -15.08 -2.85
SE MSE B 4 15.25 -14.52 -0.87
CE MSE B 4 13.93 -13.75 -2.32
CE MSE B 4 15.52 -15.99 -2.13
N ARG B 5 19.53 -12.85 -2.54
CA ARG B 5 19.85 -11.46 -2.97
C ARG B 5 18.71 -10.50 -2.62
N ASN B 6 18.96 -9.20 -2.75
N ASN B 6 18.98 -9.22 -2.79
CA ASN B 6 18.00 -8.13 -2.35
CA ASN B 6 18.02 -8.21 -2.41
C ASN B 6 17.18 -7.48 -3.51
C ASN B 6 17.30 -7.58 -3.63
N TYR B 7 16.21 -8.22 -4.03
CA TYR B 7 15.45 -7.84 -5.20
C TYR B 7 14.44 -6.72 -5.01
N ILE B 8 13.86 -6.61 -3.82
CA ILE B 8 12.74 -5.66 -3.60
C ILE B 8 13.29 -4.28 -3.37
N GLN B 9 12.82 -3.34 -4.17
CA GLN B 9 13.39 -2.01 -4.19
C GLN B 9 12.51 -0.98 -3.50
N GLY B 10 11.22 -1.28 -3.33
CA GLY B 10 10.32 -0.37 -2.64
C GLY B 10 8.89 -0.65 -3.03
N ILE B 11 7.98 0.20 -2.56
CA ILE B 11 6.56 0.08 -2.92
C ILE B 11 6.33 0.93 -4.18
N ASP B 12 5.83 0.34 -5.26
CA ASP B 12 5.60 1.09 -6.50
C ASP B 12 4.24 1.80 -6.37
N HIS B 13 3.25 1.03 -5.91
CA HIS B 13 1.93 1.59 -5.75
C HIS B 13 1.13 0.71 -4.83
N VAL B 14 0.00 1.27 -4.39
N VAL B 14 -0.03 1.25 -4.49
CA VAL B 14 -0.98 0.52 -3.68
CA VAL B 14 -0.97 0.59 -3.67
C VAL B 14 -2.27 0.62 -4.49
C VAL B 14 -2.30 0.65 -4.44
N GLN B 15 -2.98 -0.50 -4.48
CA GLN B 15 -4.27 -0.58 -5.10
C GLN B 15 -5.34 -0.53 -4.02
N VAL B 16 -6.27 0.40 -4.20
CA VAL B 16 -7.42 0.58 -3.33
C VAL B 16 -8.68 0.23 -4.13
N ALA B 17 -9.60 -0.52 -3.53
CA ALA B 17 -10.79 -0.97 -4.24
C ALA B 17 -11.90 0.05 -4.16
N ALA B 18 -12.81 -0.07 -5.08
CA ALA B 18 -13.91 0.87 -5.16
C ALA B 18 -15.02 0.25 -6.02
N PRO B 19 -16.28 0.70 -5.88
CA PRO B 19 -17.30 0.11 -6.77
C PRO B 19 -17.30 0.63 -8.19
N VAL B 20 -18.05 -0.04 -9.04
CA VAL B 20 -18.26 0.41 -10.40
C VAL B 20 -18.83 1.84 -10.36
N GLY B 21 -18.41 2.66 -11.31
CA GLY B 21 -18.82 4.06 -11.33
C GLY B 21 -18.11 4.99 -10.32
N CYS B 22 -16.99 4.54 -9.73
CA CYS B 22 -16.35 5.34 -8.63
C CYS B 22 -15.62 6.63 -9.06
N GLU B 23 -15.49 6.88 -10.35
CA GLU B 23 -14.46 7.79 -10.87
C GLU B 23 -14.65 9.24 -10.42
N GLU B 24 -15.86 9.78 -10.59
N GLU B 24 -15.87 9.76 -10.56
CA GLU B 24 -16.14 11.17 -10.16
CA GLU B 24 -16.18 11.14 -10.17
C GLU B 24 -15.80 11.36 -8.67
C GLU B 24 -15.91 11.41 -8.67
N GLU B 25 -16.29 10.47 -7.82
CA GLU B 25 -16.01 10.54 -6.39
C GLU B 25 -14.54 10.34 -6.08
N ALA B 26 -13.87 9.47 -6.83
CA ALA B 26 -12.42 9.20 -6.59
C ALA B 26 -11.63 10.45 -6.92
N ARG B 27 -12.01 11.09 -8.02
CA ARG B 27 -11.37 12.28 -8.49
C ARG B 27 -11.60 13.39 -7.49
N ALA B 28 -12.83 13.52 -6.97
CA ALA B 28 -13.15 14.62 -6.08
C ALA B 28 -12.42 14.48 -4.72
N PHE B 29 -12.08 13.26 -4.29
CA PHE B 29 -11.44 13.07 -3.01
C PHE B 29 -9.92 12.98 -3.13
N TYR B 30 -9.40 11.99 -3.84
CA TYR B 30 -7.97 11.87 -4.08
C TYR B 30 -7.36 13.06 -4.87
N GLY B 31 -8.06 13.54 -5.89
CA GLY B 31 -7.54 14.63 -6.72
C GLY B 31 -7.81 15.98 -6.07
N GLU B 32 -9.07 16.41 -6.10
N GLU B 32 -9.09 16.32 -5.97
CA GLU B 32 -9.42 17.73 -5.57
CA GLU B 32 -9.52 17.66 -5.63
C GLU B 32 -9.01 17.84 -4.11
C GLU B 32 -9.53 18.00 -4.14
N THR B 33 -9.60 17.00 -3.26
CA THR B 33 -9.59 17.23 -1.80
C THR B 33 -8.22 17.04 -1.14
N ILE B 34 -7.57 15.92 -1.40
N ILE B 34 -7.58 15.94 -1.46
CA ILE B 34 -6.23 15.72 -0.81
CA ILE B 34 -6.28 15.62 -0.88
C ILE B 34 -5.11 16.20 -1.71
C ILE B 34 -5.17 16.27 -1.68
N GLY B 35 -5.46 16.54 -2.95
CA GLY B 35 -4.53 17.26 -3.84
C GLY B 35 -3.52 16.38 -4.56
N MSE B 36 -3.85 15.11 -4.83
CA MSE B 36 -2.97 14.27 -5.63
C MSE B 36 -3.25 14.56 -7.07
O MSE B 36 -4.38 14.83 -7.44
CB MSE B 36 -3.26 12.78 -5.38
CG MSE B 36 -3.00 12.40 -3.97
SE MSE B 36 -3.20 10.51 -3.70
CE MSE B 36 -1.35 10.03 -3.57
N GLU B 37 -2.21 14.49 -7.89
CA GLU B 37 -2.33 14.62 -9.35
C GLU B 37 -2.83 13.32 -10.05
N GLU B 38 -3.96 13.37 -10.75
CA GLU B 38 -4.40 12.22 -11.54
C GLU B 38 -3.49 11.93 -12.73
N ILE B 39 -3.19 10.67 -12.93
CA ILE B 39 -2.34 10.30 -14.07
C ILE B 39 -3.13 9.34 -14.98
N PRO B 40 -2.79 9.32 -16.29
CA PRO B 40 -3.59 8.51 -17.20
C PRO B 40 -3.20 7.08 -17.06
N LYS B 41 -4.19 6.20 -17.22
CA LYS B 41 -3.97 4.77 -17.13
C LYS B 41 -3.43 4.27 -18.48
N PRO B 42 -2.64 3.18 -18.47
CA PRO B 42 -2.18 2.58 -19.71
C PRO B 42 -3.37 2.26 -20.59
N GLU B 43 -3.21 2.41 -21.88
CA GLU B 43 -4.29 2.22 -22.84
C GLU B 43 -5.07 0.92 -22.62
N GLU B 44 -4.36 -0.20 -22.46
N GLU B 44 -4.34 -0.17 -22.39
CA GLU B 44 -5.01 -1.51 -22.27
CA GLU B 44 -4.89 -1.51 -22.25
C GLU B 44 -5.94 -1.55 -21.04
C GLU B 44 -5.61 -1.81 -20.92
N LEU B 45 -5.55 -0.86 -19.98
CA LEU B 45 -6.25 -0.96 -18.70
C LEU B 45 -7.43 0.02 -18.59
N LYS B 46 -7.57 0.94 -19.54
CA LYS B 46 -8.62 1.94 -19.47
C LYS B 46 -9.99 1.26 -19.35
N LYS B 47 -10.20 0.21 -20.14
CA LYS B 47 -11.50 -0.50 -20.16
C LYS B 47 -11.91 -1.09 -18.81
N ARG B 48 -11.00 -1.09 -17.84
CA ARG B 48 -11.34 -1.59 -16.53
C ARG B 48 -12.00 -0.57 -15.56
N GLY B 49 -12.09 0.71 -15.88
CA GLY B 49 -12.73 1.62 -14.94
C GLY B 49 -11.71 1.94 -13.85
N GLY B 50 -11.93 3.02 -13.09
CA GLY B 50 -11.00 3.39 -12.01
C GLY B 50 -10.09 4.57 -12.44
N CYS B 51 -9.21 5.00 -11.53
CA CYS B 51 -8.35 6.18 -11.68
C CYS B 51 -7.05 5.87 -10.98
N TRP B 52 -5.98 6.48 -11.50
CA TRP B 52 -4.64 6.44 -10.88
C TRP B 52 -4.22 7.86 -10.48
N PHE B 53 -3.50 7.97 -9.37
CA PHE B 53 -3.09 9.29 -8.89
C PHE B 53 -1.65 9.18 -8.46
N LYS B 54 -0.93 10.28 -8.56
CA LYS B 54 0.49 10.27 -8.22
C LYS B 54 0.66 10.83 -6.79
N CYS B 55 1.56 10.24 -6.00
CA CYS B 55 1.99 10.80 -4.68
C CYS B 55 3.47 10.58 -4.57
N GLY B 56 4.26 11.61 -4.85
CA GLY B 56 5.68 11.46 -4.78
C GLY B 56 6.13 10.49 -5.83
N ASN B 57 7.06 9.61 -5.49
CA ASN B 57 7.50 8.60 -6.46
C ASN B 57 6.61 7.38 -6.51
N GLN B 58 5.46 7.45 -5.84
CA GLN B 58 4.59 6.30 -5.77
C GLN B 58 3.26 6.69 -6.39
N GLU B 59 2.39 5.68 -6.58
CA GLU B 59 1.03 5.93 -7.04
C GLU B 59 0.00 5.24 -6.16
N ILE B 60 -1.23 5.70 -6.31
CA ILE B 60 -2.36 4.99 -5.76
C ILE B 60 -3.32 4.73 -6.94
N HIS B 61 -3.75 3.47 -7.08
CA HIS B 61 -4.58 2.98 -8.18
C HIS B 61 -5.92 2.65 -7.54
N ILE B 62 -6.94 3.38 -7.94
CA ILE B 62 -8.28 3.08 -7.43
C ILE B 62 -8.88 2.09 -8.43
N GLY B 63 -9.09 0.83 -8.04
CA GLY B 63 -9.50 -0.21 -8.97
C GLY B 63 -10.92 -0.65 -8.73
N VAL B 64 -11.70 -0.81 -9.80
CA VAL B 64 -13.09 -1.22 -9.67
C VAL B 64 -13.23 -2.72 -9.33
N GLU B 65 -14.09 -3.05 -8.36
CA GLU B 65 -14.36 -4.43 -8.01
C GLU B 65 -15.85 -4.76 -8.18
N GLN B 66 -16.12 -6.01 -8.57
CA GLN B 66 -17.49 -6.48 -8.74
C GLN B 66 -18.25 -6.45 -7.42
N ASN B 67 -17.63 -6.92 -6.35
CA ASN B 67 -18.41 -6.92 -5.10
C ASN B 67 -17.55 -6.20 -4.09
N PHE B 68 -17.62 -4.91 -4.11
CA PHE B 68 -16.74 -4.10 -3.31
C PHE B 68 -17.13 -4.11 -1.82
N ASN B 69 -16.14 -4.32 -0.94
CA ASN B 69 -16.21 -3.99 0.49
C ASN B 69 -15.03 -3.12 0.89
N PRO B 70 -15.27 -2.06 1.69
CA PRO B 70 -14.09 -1.20 2.00
C PRO B 70 -13.06 -1.87 2.90
N ALA B 71 -11.80 -1.40 2.82
CA ALA B 71 -10.74 -1.93 3.70
C ALA B 71 -10.69 -0.96 4.88
N LYS B 72 -11.12 -1.46 6.03
CA LYS B 72 -11.21 -0.66 7.25
C LYS B 72 -9.99 -0.82 8.18
N ARG B 73 -9.24 -1.91 8.03
CA ARG B 73 -8.12 -2.23 8.93
C ARG B 73 -6.78 -2.05 8.20
N ALA B 74 -6.45 -2.95 7.28
CA ALA B 74 -5.25 -2.82 6.43
C ALA B 74 -5.41 -1.56 5.54
N HIS B 75 -4.33 -0.85 5.24
CA HIS B 75 -4.42 0.48 4.64
C HIS B 75 -3.04 1.01 4.30
N PRO B 76 -2.99 1.93 3.34
CA PRO B 76 -1.79 2.68 3.07
C PRO B 76 -1.55 3.89 4.01
N ALA B 77 -0.28 4.24 4.28
CA ALA B 77 0.07 5.42 5.08
C ALA B 77 0.93 6.36 4.20
N PHE B 78 0.45 7.58 4.02
CA PHE B 78 1.14 8.59 3.18
C PHE B 78 1.92 9.52 4.09
N TYR B 79 3.15 9.87 3.65
CA TYR B 79 3.99 10.78 4.38
C TYR B 79 3.55 12.16 3.93
N VAL B 80 3.36 13.07 4.89
CA VAL B 80 2.88 14.44 4.64
C VAL B 80 3.84 15.47 5.23
N LEU B 81 4.23 16.47 4.43
CA LEU B 81 4.92 17.66 4.94
C LEU B 81 3.96 18.63 5.56
N LYS B 82 4.31 19.21 6.71
CA LYS B 82 3.42 20.17 7.39
C LYS B 82 2.07 19.57 7.75
N ILE B 83 2.09 18.43 8.43
CA ILE B 83 0.86 17.66 8.63
C ILE B 83 -0.30 18.48 9.25
N ASP B 84 0.02 19.38 10.19
N ASP B 84 0.00 19.37 10.21
CA ASP B 84 -1.01 20.13 10.92
CA ASP B 84 -1.09 20.09 10.87
C ASP B 84 -1.75 21.14 10.02
C ASP B 84 -1.81 21.00 9.87
N GLU B 85 -1.03 21.71 9.06
CA GLU B 85 -1.58 22.56 8.02
C GLU B 85 -2.47 21.73 7.04
N PHE B 86 -1.96 20.59 6.57
CA PHE B 86 -2.72 19.70 5.72
C PHE B 86 -4.04 19.24 6.37
N LYS B 87 -3.94 18.84 7.64
CA LYS B 87 -5.11 18.37 8.35
C LYS B 87 -6.20 19.44 8.41
N GLN B 88 -5.84 20.70 8.71
CA GLN B 88 -6.83 21.80 8.75
C GLN B 88 -7.44 22.07 7.39
N GLU B 89 -6.65 21.92 6.34
CA GLU B 89 -7.18 22.02 4.99
C GLU B 89 -8.25 20.95 4.73
N LEU B 90 -8.06 19.74 5.26
CA LEU B 90 -9.08 18.65 5.19
C LEU B 90 -10.33 18.98 6.04
N ILE B 91 -10.12 19.41 7.29
CA ILE B 91 -11.22 19.76 8.20
C ILE B 91 -12.03 20.90 7.58
N LYS B 92 -11.35 21.91 7.05
CA LYS B 92 -12.00 23.01 6.33
C LYS B 92 -12.92 22.49 5.22
N GLN B 93 -12.51 21.42 4.52
CA GLN B 93 -13.33 20.87 3.43
C GLN B 93 -14.40 19.86 3.89
N GLY B 94 -14.65 19.77 5.18
CA GLY B 94 -15.69 18.89 5.66
C GLY B 94 -15.26 17.45 5.82
N ILE B 95 -13.97 17.15 5.60
CA ILE B 95 -13.50 15.80 5.84
C ILE B 95 -13.41 15.51 7.34
N GLU B 96 -13.91 14.36 7.77
CA GLU B 96 -13.78 13.97 9.15
C GLU B 96 -12.44 13.27 9.41
N VAL B 97 -11.68 13.73 10.41
CA VAL B 97 -10.34 13.17 10.65
C VAL B 97 -10.27 12.53 12.03
N ILE B 98 -9.45 11.50 12.21
CA ILE B 98 -9.33 10.85 13.50
C ILE B 98 -7.87 10.82 13.92
N ASP B 99 -7.55 11.64 14.93
CA ASP B 99 -6.19 11.74 15.42
C ASP B 99 -5.74 10.50 16.13
N ASP B 100 -4.44 10.22 16.10
CA ASP B 100 -3.91 9.06 16.79
C ASP B 100 -2.56 9.38 17.43
N HIS B 101 -2.45 9.12 18.74
CA HIS B 101 -1.21 9.41 19.53
C HIS B 101 -0.42 8.18 20.03
N ALA B 102 -0.80 6.99 19.57
CA ALA B 102 -0.21 5.68 19.94
C ALA B 102 1.28 5.53 19.62
N ARG B 103 1.72 6.14 18.52
CA ARG B 103 3.13 6.16 18.12
C ARG B 103 3.75 7.54 18.47
N PRO B 104 4.71 7.60 19.42
CA PRO B 104 5.03 8.94 20.02
C PRO B 104 5.96 9.92 19.26
N ASP B 105 6.84 9.45 18.38
N ASP B 105 6.72 9.33 18.34
CA ASP B 105 7.65 10.46 17.64
CA ASP B 105 7.72 9.96 17.49
C ASP B 105 7.05 10.77 16.26
C ASP B 105 7.11 10.54 16.20
N VAL B 106 5.79 10.40 16.07
CA VAL B 106 5.08 10.59 14.79
C VAL B 106 3.75 11.28 15.02
N ILE B 107 3.41 12.22 14.16
CA ILE B 107 2.06 12.78 14.12
C ILE B 107 1.24 12.04 13.06
N ARG B 108 0.08 11.51 13.43
CA ARG B 108 -0.76 10.86 12.41
C ARG B 108 -2.24 10.99 12.66
N PHE B 109 -3.00 10.85 11.58
CA PHE B 109 -4.46 10.82 11.65
C PHE B 109 -4.98 9.93 10.55
N TYR B 110 -6.23 9.50 10.68
CA TYR B 110 -6.90 8.67 9.69
C TYR B 110 -8.09 9.41 9.12
N VAL B 111 -8.41 9.08 7.87
CA VAL B 111 -9.64 9.52 7.24
C VAL B 111 -10.18 8.29 6.48
N SER B 112 -11.42 8.37 6.02
CA SER B 112 -12.03 7.42 5.14
C SER B 112 -12.19 8.07 3.75
N ASP B 113 -11.88 7.33 2.69
CA ASP B 113 -12.18 7.83 1.36
C ASP B 113 -13.70 7.77 1.15
N PRO B 114 -14.23 8.24 0.01
CA PRO B 114 -15.71 8.19 -0.19
C PRO B 114 -16.29 6.80 -0.21
N PHE B 115 -15.47 5.77 -0.33
CA PHE B 115 -15.98 4.41 -0.47
C PHE B 115 -15.84 3.66 0.85
N GLY B 116 -15.24 4.33 1.82
CA GLY B 116 -15.11 3.81 3.22
C GLY B 116 -13.73 3.24 3.49
N ASN B 117 -12.84 3.30 2.51
CA ASN B 117 -11.46 2.75 2.72
C ASN B 117 -10.66 3.65 3.69
N ARG B 118 -10.00 3.03 4.66
N ARG B 118 -10.01 3.06 4.69
CA ARG B 118 -9.11 3.70 5.63
CA ARG B 118 -9.22 3.85 5.63
C ARG B 118 -7.83 4.27 4.95
C ARG B 118 -7.86 4.28 5.01
N ILE B 119 -7.51 5.54 5.20
CA ILE B 119 -6.24 6.14 4.73
C ILE B 119 -5.53 6.69 5.95
N GLU B 120 -4.23 6.43 6.11
CA GLU B 120 -3.45 7.10 7.14
C GLU B 120 -2.53 8.21 6.57
N PHE B 121 -2.45 9.36 7.26
CA PHE B 121 -1.48 10.38 6.97
C PHE B 121 -0.58 10.57 8.16
N MSE B 122 0.74 10.61 7.94
CA MSE B 122 1.68 10.80 9.03
C MSE B 122 2.88 11.74 8.70
O MSE B 122 3.22 11.93 7.55
CB MSE B 122 2.21 9.43 9.42
CG MSE B 122 2.86 8.73 8.24
SE MSE B 122 3.95 7.27 8.91
CE MSE B 122 5.57 8.28 9.23
N GLU B 123 3.51 12.31 9.73
CA GLU B 123 4.81 12.94 9.54
C GLU B 123 5.59 12.72 10.83
N ASN B 124 6.91 12.64 10.74
CA ASN B 124 7.74 12.55 11.96
C ASN B 124 7.75 13.87 12.71
N LYS B 125 7.82 13.80 14.04
CA LYS B 125 7.92 14.97 14.85
C LYS B 125 9.37 15.40 14.78
S SO4 C . 1.31 -1.33 14.28
O1 SO4 C . 2.47 -1.00 13.44
O2 SO4 C . 1.68 -1.68 15.67
O3 SO4 C . 0.67 -2.49 13.66
O4 SO4 C . 0.42 -0.18 14.34
S SO4 D . -7.92 -13.30 -9.80
O1 SO4 D . -6.48 -13.25 -9.95
O2 SO4 D . -8.56 -12.06 -10.18
O3 SO4 D . -8.36 -14.40 -10.66
O4 SO4 D . -8.32 -13.62 -8.45
S SO4 E . 11.39 6.81 -2.89
O1 SO4 E . 10.93 7.59 -1.74
O2 SO4 E . 12.20 7.68 -3.72
O3 SO4 E . 12.13 5.61 -2.49
O4 SO4 E . 10.33 6.32 -3.75
S SO4 F . -10.81 -5.22 6.57
O1 SO4 F . -9.54 -4.46 6.27
O2 SO4 F . -11.79 -4.17 6.88
O3 SO4 F . -11.15 -6.00 5.38
O4 SO4 F . -10.49 -6.17 7.65
S SO4 G . -6.39 -1.38 -12.91
O1 SO4 G . -6.13 -2.82 -12.83
O2 SO4 G . -5.07 -0.74 -12.65
O3 SO4 G . -7.01 -0.99 -14.15
O4 SO4 G . -7.31 -0.98 -11.84
C1 GOL H . -10.78 -4.07 -12.44
O1 GOL H . -11.97 -3.42 -12.84
C2 GOL H . -9.72 -3.11 -11.81
O2 GOL H . -8.41 -3.75 -11.65
C3 GOL H . -9.66 -1.81 -12.63
O3 GOL H . -10.41 -0.74 -12.14
#